data_5O9O
#
_entry.id   5O9O
#
_cell.length_a   50.196
_cell.length_b   70.714
_cell.length_c   151.167
_cell.angle_alpha   90.00
_cell.angle_beta   90.00
_cell.angle_gamma   90.00
#
_symmetry.space_group_name_H-M   'P 21 21 21'
#
loop_
_entity.id
_entity.type
_entity.pdbx_description
1 polymer '1,3-beta-glucanosyltransferase GAS2'
2 non-polymer (2~{R},3~{S},4~{S},5~{R},6~{S})-2-(hydroxymethyl)-6-[(2~{R},3~{R},4~{S},5~{R},6~{S})-2-(hydroxymethyl)-6-[(2~{R},3~{R},4~{S},5~{R},6~{R})-2-(hydroxymethyl)-6-[4-(naphthalen-2-ylmethoxymethyl)-1,2,3-triazol-1-yl]-3,5-bis(oxidanyl)oxan-4-yl]oxy-3,5-bis(oxidanyl)oxan-4-yl]oxy-oxane-3,4,5-triol
3 non-polymer 1,2-ETHANEDIOL
4 water water
#
_entity_poly.entity_id   1
_entity_poly.type   'polypeptide(L)'
_entity_poly.pdbx_seq_one_letter_code
;MNKKQNFYAAIIVAIFLCLQLSHGSSGVSFEKTPAIKIVGNKFFDSESGEQFFIKGIAYQLQRSEEELSNANGAFETSYI
DALADPKICLRDIPFLKMLGVNTLRVYAIDPTKSHDICMEALSAEGMYVLLDLSEPDISINRENPSWDVHIFERYKSVID
AMSSFPNLLGYFAGNEVTNDHTNTFASPFVKAAIRDAKEYISHSNHRKIPVGYSTNDDAMTRDNLARYFVCGDVKADFYG
INMYEWCGYSTYGTSGYRERTKEFEGYPIPVFFSEFGCNLVRPRPFTEVSALYGNKMSSVWSGGLAYMYFEEENEYGVVK
INDNDGVDILPDFKNLKKEFAKADPKGITEEEYLTAKEPTEVESVECPHIAVGVWEANEKLPETPDRSKCACLDEILPCE
IVPFGAESGKYEEYFSYLCSKVDCSDILANGKTGEYGEFSDCSVEQKLSLQLSKLYCKIGANDRHCPLNDKNVYFNLESL
QPLTSESICKNVFDSIRNITYNHGDYSKSNPSRSKESLNVKYPSSEERENDGTIAFKTSGFVILLISMIAAGILL
;
_entity_poly.pdbx_strand_id   A
#
# COMPACT_ATOMS: atom_id res chain seq x y z
N SER A 29 -0.19 -8.74 -26.87
CA SER A 29 -0.97 -7.53 -27.12
C SER A 29 -1.70 -7.04 -25.88
N PHE A 30 -1.60 -5.75 -25.62
CA PHE A 30 -2.32 -5.12 -24.51
C PHE A 30 -3.38 -4.15 -25.02
N GLU A 31 -3.81 -4.35 -26.25
CA GLU A 31 -4.72 -3.47 -26.95
C GLU A 31 -5.99 -3.22 -26.19
N LYS A 32 -6.52 -4.25 -25.55
CA LYS A 32 -7.79 -4.10 -24.88
C LYS A 32 -7.66 -3.37 -23.52
N THR A 33 -6.43 -3.05 -23.12
CA THR A 33 -6.23 -2.23 -21.93
C THR A 33 -5.22 -1.12 -22.18
N PRO A 34 -5.68 0.01 -22.74
CA PRO A 34 -4.80 1.18 -22.82
C PRO A 34 -4.45 1.66 -21.42
N ALA A 35 -3.29 2.25 -21.27
CA ALA A 35 -2.88 2.75 -19.96
C ALA A 35 -3.87 3.80 -19.47
N ILE A 36 -4.25 3.71 -18.19
CA ILE A 36 -5.07 4.73 -17.56
C ILE A 36 -4.17 5.85 -17.03
N LYS A 37 -4.58 7.10 -17.24
CA LYS A 37 -3.85 8.23 -16.68
C LYS A 37 -4.75 9.09 -15.76
N ILE A 38 -4.13 9.98 -15.01
CA ILE A 38 -4.86 10.83 -14.07
C ILE A 38 -4.83 12.27 -14.56
N VAL A 39 -6.01 12.89 -14.67
CA VAL A 39 -6.15 14.33 -14.93
C VAL A 39 -7.02 14.93 -13.83
N GLY A 40 -6.49 15.89 -13.08
CA GLY A 40 -7.21 16.42 -11.94
C GLY A 40 -7.59 15.32 -10.97
N ASN A 41 -8.88 15.22 -10.64
CA ASN A 41 -9.31 14.18 -9.71
C ASN A 41 -10.08 13.03 -10.36
N LYS A 42 -9.86 12.83 -11.65
CA LYS A 42 -10.47 11.71 -12.37
C LYS A 42 -9.45 10.84 -13.11
N PHE A 43 -9.80 9.57 -13.33
CA PHE A 43 -9.03 8.66 -14.18
C PHE A 43 -9.50 8.77 -15.62
N PHE A 44 -8.58 8.66 -16.59
CA PHE A 44 -8.96 8.66 -18.00
C PHE A 44 -8.21 7.62 -18.81
N ASP A 45 -8.93 6.92 -19.67
CA ASP A 45 -8.36 6.03 -20.68
C ASP A 45 -7.52 6.88 -21.62
N SER A 46 -6.24 6.57 -21.71
CA SER A 46 -5.31 7.46 -22.42
C SER A 46 -5.49 7.45 -23.93
N GLU A 47 -6.28 6.51 -24.44
CA GLU A 47 -6.56 6.50 -25.88
C GLU A 47 -7.91 7.13 -26.21
N SER A 48 -8.97 6.61 -25.61
CA SER A 48 -10.32 7.10 -25.85
C SER A 48 -10.61 8.50 -25.28
N GLY A 49 -9.99 8.81 -24.15
CA GLY A 49 -10.29 10.05 -23.45
C GLY A 49 -11.54 9.99 -22.58
N GLU A 50 -12.15 8.81 -22.49
CA GLU A 50 -13.32 8.61 -21.61
C GLU A 50 -12.90 8.41 -20.15
N GLN A 51 -13.71 8.92 -19.21
CA GLN A 51 -13.43 8.72 -17.79
C GLN A 51 -13.43 7.22 -17.53
N PHE A 52 -12.49 6.80 -16.69
CA PHE A 52 -12.38 5.41 -16.27
C PHE A 52 -12.94 5.25 -14.87
N PHE A 53 -13.87 4.32 -14.71
CA PHE A 53 -14.47 4.01 -13.42
C PHE A 53 -14.05 2.60 -13.05
N ILE A 54 -13.55 2.43 -11.84
CA ILE A 54 -13.16 1.12 -11.35
C ILE A 54 -14.41 0.35 -10.97
N LYS A 55 -14.57 -0.81 -11.59
CA LYS A 55 -15.53 -1.81 -11.15
C LYS A 55 -14.71 -3.06 -10.81
N GLY A 56 -14.36 -3.23 -9.54
CA GLY A 56 -13.31 -4.18 -9.22
C GLY A 56 -13.61 -5.24 -8.18
N ILE A 57 -12.66 -6.15 -8.00
CA ILE A 57 -12.73 -7.05 -6.85
C ILE A 57 -11.33 -7.35 -6.31
N ALA A 58 -11.22 -7.50 -4.99
CA ALA A 58 -9.96 -7.95 -4.40
C ALA A 58 -9.68 -9.41 -4.77
N TYR A 59 -8.43 -9.70 -5.10
CA TYR A 59 -8.05 -11.02 -5.58
C TYR A 59 -6.73 -11.45 -4.92
N GLN A 60 -6.82 -12.25 -3.87
CA GLN A 60 -5.64 -12.63 -3.10
C GLN A 60 -5.90 -13.88 -2.26
N LEU A 61 -5.07 -14.87 -2.41
CA LEU A 61 -5.17 -16.13 -1.72
C LEU A 61 -4.37 -16.05 -0.43
N GLN A 62 -4.79 -16.70 0.64
CA GLN A 62 -3.97 -16.79 1.84
C GLN A 62 -3.57 -18.21 2.10
N THR A 77 7.11 -18.53 0.72
CA THR A 77 6.60 -17.22 1.14
C THR A 77 5.27 -17.27 1.87
N SER A 78 5.16 -16.39 2.84
CA SER A 78 3.99 -16.29 3.67
C SER A 78 2.72 -16.07 2.86
N TYR A 79 2.77 -15.18 1.87
CA TYR A 79 1.66 -14.94 0.95
C TYR A 79 1.66 -15.83 -0.28
N ILE A 80 0.54 -15.93 -0.98
CA ILE A 80 0.50 -16.66 -2.25
C ILE A 80 0.32 -15.67 -3.41
N ASP A 81 1.19 -15.79 -4.41
CA ASP A 81 1.12 -14.93 -5.58
C ASP A 81 0.36 -15.62 -6.72
N ALA A 82 -0.95 -15.45 -6.72
CA ALA A 82 -1.79 -16.04 -7.75
C ALA A 82 -1.41 -15.56 -9.17
N LEU A 83 -0.87 -14.35 -9.28
CA LEU A 83 -0.53 -13.85 -10.62
C LEU A 83 0.77 -14.42 -11.15
N ALA A 84 1.45 -15.23 -10.35
CA ALA A 84 2.68 -15.86 -10.83
C ALA A 84 2.45 -17.34 -11.10
N ASP A 85 1.20 -17.78 -11.00
CA ASP A 85 0.87 -19.17 -11.27
C ASP A 85 -0.29 -19.26 -12.28
N PRO A 86 0.04 -19.45 -13.56
CA PRO A 86 -0.97 -19.53 -14.62
C PRO A 86 -2.13 -20.49 -14.34
N LYS A 87 -1.90 -21.63 -13.71
CA LYS A 87 -3.01 -22.57 -13.51
C LYS A 87 -4.03 -22.00 -12.53
N ILE A 88 -3.61 -21.07 -11.69
CA ILE A 88 -4.55 -20.42 -10.79
C ILE A 88 -5.23 -19.27 -11.50
N CYS A 89 -4.45 -18.32 -12.01
CA CYS A 89 -5.04 -17.12 -12.54
C CYS A 89 -5.89 -17.45 -13.78
N LEU A 90 -5.45 -18.40 -14.61
CA LEU A 90 -6.24 -18.78 -15.78
C LEU A 90 -7.51 -19.52 -15.38
N ARG A 91 -7.53 -20.15 -14.21
CA ARG A 91 -8.74 -20.81 -13.74
C ARG A 91 -9.79 -19.74 -13.42
N ASP A 92 -9.35 -18.65 -12.79
CA ASP A 92 -10.27 -17.67 -12.21
C ASP A 92 -10.72 -16.55 -13.17
N ILE A 93 -9.91 -16.22 -14.16
CA ILE A 93 -10.25 -15.12 -15.04
C ILE A 93 -11.63 -15.28 -15.73
N PRO A 94 -11.96 -16.49 -16.23
CA PRO A 94 -13.32 -16.69 -16.75
C PRO A 94 -14.44 -16.30 -15.78
N PHE A 95 -14.27 -16.58 -14.49
CA PHE A 95 -15.27 -16.22 -13.50
C PHE A 95 -15.23 -14.72 -13.23
N LEU A 96 -14.03 -14.17 -13.23
CA LEU A 96 -13.87 -12.74 -13.01
C LEU A 96 -14.50 -12.01 -14.19
N LYS A 97 -14.34 -12.55 -15.39
CA LYS A 97 -15.04 -12.01 -16.56
C LYS A 97 -16.55 -12.06 -16.40
N MET A 98 -17.10 -13.21 -16.01
CA MET A 98 -18.53 -13.33 -15.69
C MET A 98 -19.02 -12.27 -14.70
N LEU A 99 -18.24 -12.03 -13.65
CA LEU A 99 -18.58 -10.99 -12.67
C LEU A 99 -18.70 -9.62 -13.34
N GLY A 100 -17.89 -9.40 -14.37
CA GLY A 100 -17.91 -8.14 -15.10
C GLY A 100 -16.99 -7.08 -14.50
N VAL A 101 -15.92 -7.51 -13.87
CA VAL A 101 -15.01 -6.54 -13.26
C VAL A 101 -14.01 -6.04 -14.29
N ASN A 102 -13.52 -4.81 -14.11
CA ASN A 102 -12.48 -4.31 -15.00
C ASN A 102 -11.17 -4.04 -14.24
N THR A 103 -11.16 -4.32 -12.93
CA THR A 103 -9.99 -4.12 -12.04
C THR A 103 -9.89 -5.18 -10.92
N LEU A 104 -8.66 -5.57 -10.58
CA LEU A 104 -8.39 -6.42 -9.43
C LEU A 104 -7.53 -5.66 -8.42
N ARG A 105 -7.75 -5.90 -7.14
CA ARG A 105 -6.76 -5.41 -6.17
C ARG A 105 -5.95 -6.60 -5.65
N VAL A 106 -4.64 -6.46 -5.74
CA VAL A 106 -3.72 -7.49 -5.30
C VAL A 106 -2.87 -6.90 -4.18
N TYR A 107 -2.77 -7.61 -3.06
CA TYR A 107 -2.12 -7.07 -1.88
C TYR A 107 -0.66 -7.48 -1.78
N ALA A 108 -0.27 -8.53 -2.49
CA ALA A 108 1.11 -8.98 -2.45
C ALA A 108 1.47 -9.83 -3.66
N ILE A 109 2.58 -9.49 -4.32
CA ILE A 109 3.20 -10.35 -5.35
C ILE A 109 4.61 -10.71 -4.92
N ASP A 110 5.13 -11.79 -5.50
CA ASP A 110 6.53 -12.17 -5.37
C ASP A 110 7.32 -11.58 -6.53
N PRO A 111 8.18 -10.59 -6.25
CA PRO A 111 8.87 -9.91 -7.36
C PRO A 111 9.93 -10.75 -8.06
N THR A 112 10.32 -11.89 -7.48
CA THR A 112 11.34 -12.74 -8.10
C THR A 112 10.74 -13.63 -9.19
N LYS A 113 9.41 -13.63 -9.29
CA LYS A 113 8.73 -14.47 -10.29
C LYS A 113 8.15 -13.67 -11.47
N SER A 114 7.95 -14.34 -12.61
CA SER A 114 7.37 -13.73 -13.79
C SER A 114 5.85 -13.54 -13.64
N HIS A 115 5.31 -12.49 -14.23
CA HIS A 115 3.86 -12.24 -14.16
C HIS A 115 3.24 -11.97 -15.53
N ASP A 116 4.01 -12.13 -16.61
CA ASP A 116 3.52 -11.73 -17.93
C ASP A 116 2.31 -12.55 -18.40
N ILE A 117 2.30 -13.85 -18.11
CA ILE A 117 1.21 -14.68 -18.62
C ILE A 117 -0.11 -14.25 -18.00
N CYS A 118 -0.15 -14.17 -16.68
CA CYS A 118 -1.36 -13.74 -16.01
C CYS A 118 -1.75 -12.30 -16.36
N MET A 119 -0.76 -11.41 -16.48
CA MET A 119 -1.07 -10.01 -16.73
C MET A 119 -1.60 -9.86 -18.16
N GLU A 120 -1.05 -10.63 -19.09
CA GLU A 120 -1.58 -10.63 -20.45
C GLU A 120 -3.00 -11.20 -20.52
N ALA A 121 -3.25 -12.30 -19.81
CA ALA A 121 -4.58 -12.89 -19.80
C ALA A 121 -5.60 -11.92 -19.22
N LEU A 122 -5.20 -11.18 -18.18
CA LEU A 122 -6.07 -10.17 -17.62
C LEU A 122 -6.33 -9.08 -18.66
N SER A 123 -5.27 -8.67 -19.37
CA SER A 123 -5.40 -7.62 -20.39
C SER A 123 -6.38 -8.02 -21.49
N ALA A 124 -6.34 -9.30 -21.86
CA ALA A 124 -7.17 -9.84 -22.93
C ALA A 124 -8.65 -9.84 -22.55
N GLU A 125 -8.95 -9.68 -21.26
CA GLU A 125 -10.34 -9.53 -20.84
C GLU A 125 -10.65 -8.11 -20.32
N GLY A 126 -9.82 -7.14 -20.69
CA GLY A 126 -10.03 -5.75 -20.28
C GLY A 126 -9.78 -5.44 -18.81
N MET A 127 -8.95 -6.23 -18.14
CA MET A 127 -8.78 -6.08 -16.69
C MET A 127 -7.45 -5.43 -16.30
N TYR A 128 -7.55 -4.52 -15.33
CA TYR A 128 -6.42 -3.79 -14.75
C TYR A 128 -6.11 -4.27 -13.33
N VAL A 129 -4.93 -3.89 -12.83
CA VAL A 129 -4.54 -4.26 -11.48
C VAL A 129 -4.09 -3.07 -10.62
N LEU A 130 -4.69 -2.94 -9.44
CA LEU A 130 -4.20 -2.09 -8.37
C LEU A 130 -3.36 -2.97 -7.44
N LEU A 131 -2.16 -2.52 -7.08
CA LEU A 131 -1.21 -3.39 -6.39
C LEU A 131 -0.47 -2.70 -5.24
N ASP A 132 -0.58 -3.28 -4.05
CA ASP A 132 0.20 -2.85 -2.89
C ASP A 132 1.69 -3.13 -3.08
N LEU A 133 2.52 -2.19 -2.65
CA LEU A 133 3.96 -2.36 -2.76
C LEU A 133 4.45 -3.19 -1.59
N SER A 134 3.78 -3.05 -0.45
CA SER A 134 4.20 -3.73 0.76
C SER A 134 3.69 -5.17 0.85
N GLU A 135 4.00 -5.82 1.95
CA GLU A 135 3.67 -7.22 2.18
C GLU A 135 3.66 -7.39 3.71
N PRO A 136 2.86 -8.33 4.26
CA PRO A 136 2.70 -8.36 5.73
C PRO A 136 4.00 -8.36 6.52
N ASP A 137 5.06 -8.99 6.01
CA ASP A 137 6.33 -9.02 6.71
C ASP A 137 7.28 -7.90 6.32
N ILE A 138 6.91 -7.10 5.31
CA ILE A 138 7.71 -5.94 4.94
C ILE A 138 6.76 -4.77 4.64
N SER A 139 6.46 -4.00 5.68
CA SER A 139 5.49 -2.92 5.65
C SER A 139 5.96 -1.87 6.63
N ILE A 140 5.48 -0.64 6.50
CA ILE A 140 5.73 0.34 7.54
C ILE A 140 4.99 -0.09 8.80
N ASN A 141 5.72 -0.40 9.86
CA ASN A 141 5.13 -0.87 11.11
C ASN A 141 4.42 0.24 11.87
N ARG A 142 3.09 0.18 11.93
CA ARG A 142 2.33 1.29 12.49
C ARG A 142 2.60 1.48 13.98
N GLU A 143 3.09 0.44 14.66
CA GLU A 143 3.42 0.56 16.08
C GLU A 143 4.83 1.07 16.33
N ASN A 144 5.70 0.97 15.35
CA ASN A 144 7.06 1.40 15.51
C ASN A 144 7.54 1.76 14.14
N PRO A 145 7.00 2.93 13.66
CA PRO A 145 7.35 3.25 12.27
C PRO A 145 8.76 3.66 11.90
N SER A 146 9.07 3.25 10.70
CA SER A 146 10.32 3.49 10.04
C SER A 146 10.17 3.56 8.50
N TRP A 147 11.00 4.33 7.81
CA TRP A 147 11.04 4.37 6.34
C TRP A 147 12.53 4.18 6.11
N ASP A 148 12.91 2.98 5.71
CA ASP A 148 14.30 2.57 5.68
C ASP A 148 14.65 1.82 4.40
N VAL A 149 15.92 1.50 4.21
CA VAL A 149 16.38 0.91 2.96
C VAL A 149 15.79 -0.48 2.71
N HIS A 150 15.43 -1.18 3.78
CA HIS A 150 14.85 -2.51 3.66
C HIS A 150 13.43 -2.47 3.07
N ILE A 151 12.58 -1.59 3.58
CA ILE A 151 11.23 -1.42 2.99
C ILE A 151 11.29 -0.78 1.60
N PHE A 152 12.19 0.19 1.45
CA PHE A 152 12.35 0.84 0.14
C PHE A 152 12.77 -0.19 -0.92
N GLU A 153 13.67 -1.10 -0.56
CA GLU A 153 14.12 -2.11 -1.53
C GLU A 153 12.96 -3.01 -1.93
N ARG A 154 12.11 -3.37 -0.97
CA ARG A 154 10.89 -4.13 -1.30
C ARG A 154 10.02 -3.38 -2.29
N TYR A 155 9.79 -2.09 -2.04
CA TYR A 155 8.95 -1.28 -2.93
C TYR A 155 9.56 -1.23 -4.33
N LYS A 156 10.87 -1.04 -4.39
CA LYS A 156 11.58 -0.98 -5.67
C LYS A 156 11.49 -2.28 -6.44
N SER A 157 11.59 -3.40 -5.73
CA SER A 157 11.49 -4.70 -6.40
C SER A 157 10.14 -4.92 -7.04
N VAL A 158 9.08 -4.52 -6.34
CA VAL A 158 7.75 -4.67 -6.92
C VAL A 158 7.60 -3.77 -8.14
N ILE A 159 8.00 -2.52 -8.00
CA ILE A 159 7.94 -1.58 -9.12
C ILE A 159 8.69 -2.11 -10.34
N ASP A 160 9.85 -2.71 -10.10
CA ASP A 160 10.63 -3.20 -11.24
C ASP A 160 10.04 -4.48 -11.82
N ALA A 161 9.28 -5.22 -11.02
CA ALA A 161 8.66 -6.45 -11.49
C ALA A 161 7.39 -6.19 -12.31
N MET A 162 6.70 -5.11 -12.01
CA MET A 162 5.32 -4.95 -12.49
C MET A 162 5.07 -3.75 -13.41
N SER A 163 6.06 -2.90 -13.63
CA SER A 163 5.76 -1.62 -14.27
C SER A 163 5.72 -1.66 -15.80
N SER A 164 6.14 -2.77 -16.39
CA SER A 164 6.10 -2.89 -17.85
C SER A 164 4.71 -3.22 -18.39
N PHE A 165 3.76 -3.46 -17.49
CA PHE A 165 2.42 -3.83 -17.91
C PHE A 165 1.51 -2.61 -17.97
N PRO A 166 0.98 -2.30 -19.16
CA PRO A 166 0.06 -1.19 -19.41
C PRO A 166 -1.21 -1.24 -18.55
N ASN A 167 -1.61 -2.44 -18.16
CA ASN A 167 -2.83 -2.57 -17.37
C ASN A 167 -2.54 -2.58 -15.86
N LEU A 168 -1.35 -2.11 -15.49
CA LEU A 168 -1.10 -1.82 -14.07
C LEU A 168 -1.63 -0.42 -13.79
N LEU A 169 -2.75 -0.37 -13.09
CA LEU A 169 -3.48 0.88 -12.86
C LEU A 169 -2.69 1.81 -11.91
N GLY A 170 -2.28 1.27 -10.77
CA GLY A 170 -1.53 2.05 -9.80
C GLY A 170 -0.97 1.21 -8.68
N TYR A 171 -0.09 1.83 -7.90
CA TYR A 171 0.51 1.19 -6.72
C TYR A 171 0.02 1.86 -5.43
N PHE A 172 -0.24 1.07 -4.38
CA PHE A 172 -0.48 1.61 -3.04
C PHE A 172 0.85 1.63 -2.27
N ALA A 173 1.20 2.75 -1.65
CA ALA A 173 2.42 2.87 -0.86
C ALA A 173 2.21 2.50 0.61
N GLY A 174 0.99 2.13 0.95
CA GLY A 174 0.64 1.74 2.30
C GLY A 174 -0.83 1.40 2.39
N ASN A 175 -1.19 0.59 3.38
CA ASN A 175 -2.59 0.21 3.58
C ASN A 175 -2.96 0.35 5.05
N GLU A 176 -3.85 1.29 5.37
CA GLU A 176 -4.29 1.53 6.76
C GLU A 176 -3.13 1.57 7.76
N VAL A 177 -2.11 2.37 7.50
CA VAL A 177 -0.94 2.38 8.38
C VAL A 177 -1.34 3.07 9.70
N THR A 178 -1.52 4.38 9.68
CA THR A 178 -2.32 5.01 10.73
C THR A 178 -3.73 4.44 10.64
N ASN A 179 -4.30 3.93 11.73
CA ASN A 179 -5.70 3.47 11.66
C ASN A 179 -6.60 3.95 12.81
N ASP A 180 -6.02 4.69 13.76
CA ASP A 180 -6.78 5.42 14.77
C ASP A 180 -5.96 6.55 15.32
N HIS A 181 -6.45 7.19 16.37
CA HIS A 181 -5.84 8.42 16.87
C HIS A 181 -4.56 8.18 17.67
N THR A 182 -4.23 6.92 17.94
CA THR A 182 -3.01 6.57 18.67
C THR A 182 -1.76 6.33 17.79
N ASN A 183 -1.89 6.35 16.46
CA ASN A 183 -0.72 6.08 15.62
C ASN A 183 -0.67 6.96 14.39
N THR A 184 -1.15 8.20 14.53
CA THR A 184 -1.17 9.16 13.45
C THR A 184 0.25 9.53 13.03
N PHE A 185 1.19 9.44 13.97
CA PHE A 185 2.59 9.75 13.67
C PHE A 185 3.23 8.75 12.72
N ALA A 186 2.47 7.74 12.29
CA ALA A 186 2.98 6.78 11.31
C ALA A 186 2.93 7.38 9.92
N SER A 187 1.99 8.31 9.73
CA SER A 187 1.72 8.85 8.39
C SER A 187 2.85 9.63 7.70
N PRO A 188 3.75 10.29 8.45
CA PRO A 188 4.82 10.96 7.71
C PRO A 188 5.72 9.95 6.99
N PHE A 189 5.84 8.76 7.55
CA PHE A 189 6.66 7.73 6.94
C PHE A 189 6.03 7.22 5.65
N VAL A 190 4.70 7.09 5.64
CA VAL A 190 3.99 6.73 4.42
C VAL A 190 4.16 7.79 3.34
N LYS A 191 4.06 9.06 3.73
CA LYS A 191 4.22 10.15 2.75
C LYS A 191 5.59 10.17 2.14
N ALA A 192 6.62 9.95 2.96
CA ALA A 192 7.98 9.80 2.44
C ALA A 192 8.02 8.65 1.45
N ALA A 193 7.35 7.54 1.78
CA ALA A 193 7.39 6.39 0.89
C ALA A 193 6.69 6.72 -0.43
N ILE A 194 5.63 7.50 -0.36
CA ILE A 194 4.93 7.98 -1.56
C ILE A 194 5.88 8.80 -2.43
N ARG A 195 6.51 9.80 -1.81
CA ARG A 195 7.52 10.61 -2.48
C ARG A 195 8.63 9.76 -3.11
N ASP A 196 9.21 8.81 -2.37
CA ASP A 196 10.39 8.11 -2.86
C ASP A 196 10.01 7.08 -3.93
N ALA A 197 8.82 6.50 -3.81
CA ALA A 197 8.33 5.60 -4.85
C ALA A 197 8.09 6.35 -6.17
N LYS A 198 7.49 7.55 -6.08
CA LYS A 198 7.22 8.35 -7.28
C LYS A 198 8.52 8.79 -7.94
N GLU A 199 9.49 9.19 -7.13
CA GLU A 199 10.78 9.64 -7.65
C GLU A 199 11.56 8.48 -8.28
N TYR A 200 11.53 7.31 -7.64
CA TYR A 200 12.14 6.12 -8.24
C TYR A 200 11.53 5.78 -9.61
N ILE A 201 10.20 5.85 -9.71
CA ILE A 201 9.52 5.57 -10.99
C ILE A 201 9.89 6.63 -12.00
N SER A 202 9.90 7.88 -11.55
CA SER A 202 10.22 9.00 -12.43
C SER A 202 11.63 8.85 -13.05
N HIS A 203 12.60 8.41 -12.25
CA HIS A 203 13.98 8.32 -12.70
C HIS A 203 14.24 7.03 -13.49
N SER A 204 13.31 6.06 -13.38
CA SER A 204 13.39 4.82 -14.15
C SER A 204 12.91 5.08 -15.57
N ASN A 205 13.02 4.08 -16.42
CA ASN A 205 12.56 4.12 -17.80
C ASN A 205 11.08 3.77 -17.92
N HIS A 206 10.45 3.38 -16.82
CA HIS A 206 9.08 2.90 -16.85
C HIS A 206 8.06 3.96 -17.08
N ARG A 207 6.88 3.58 -17.54
CA ARG A 207 5.70 4.44 -17.56
C ARG A 207 5.48 5.05 -16.17
N LYS A 208 4.99 6.27 -16.07
CA LYS A 208 4.86 6.88 -14.75
C LYS A 208 3.54 6.47 -14.08
N ILE A 209 3.49 5.21 -13.70
CA ILE A 209 2.38 4.63 -12.95
C ILE A 209 2.15 5.40 -11.65
N PRO A 210 0.92 5.85 -11.40
CA PRO A 210 0.60 6.60 -10.17
C PRO A 210 0.77 5.80 -8.88
N VAL A 211 1.12 6.52 -7.82
CA VAL A 211 1.33 5.93 -6.50
C VAL A 211 0.37 6.57 -5.48
N GLY A 212 -0.48 5.76 -4.87
CA GLY A 212 -1.42 6.30 -3.90
C GLY A 212 -1.41 5.61 -2.55
N TYR A 213 -2.52 5.72 -1.84
CA TYR A 213 -2.63 5.24 -0.47
C TYR A 213 -4.01 4.63 -0.24
N SER A 214 -4.07 3.63 0.63
CA SER A 214 -5.37 3.04 0.97
C SER A 214 -5.61 3.17 2.46
N THR A 215 -6.76 3.72 2.83
CA THR A 215 -7.06 4.03 4.23
C THR A 215 -8.28 3.32 4.78
N ASN A 216 -8.44 3.34 6.08
CA ASN A 216 -9.60 2.76 6.74
C ASN A 216 -10.63 3.84 6.94
N ASP A 217 -11.58 3.63 7.85
CA ASP A 217 -12.74 4.48 7.98
C ASP A 217 -13.02 4.84 9.42
N ASP A 218 -12.00 5.23 10.15
CA ASP A 218 -12.12 5.62 11.56
C ASP A 218 -12.56 7.08 11.63
N ALA A 219 -13.67 7.33 12.33
CA ALA A 219 -14.32 8.64 12.32
C ALA A 219 -13.41 9.79 12.80
N MET A 220 -12.63 9.53 13.85
CA MET A 220 -11.84 10.59 14.46
C MET A 220 -10.66 11.02 13.59
N THR A 221 -10.14 10.10 12.78
CA THR A 221 -8.94 10.39 11.97
C THR A 221 -9.18 10.59 10.46
N ARG A 222 -10.37 10.26 9.97
CA ARG A 222 -10.49 10.11 8.51
C ARG A 222 -10.38 11.44 7.77
N ASP A 223 -10.87 12.54 8.35
CA ASP A 223 -10.74 13.84 7.68
C ASP A 223 -9.30 14.34 7.67
N ASN A 224 -8.63 14.23 8.81
CA ASN A 224 -7.24 14.63 8.93
C ASN A 224 -6.32 13.81 8.05
N LEU A 225 -6.59 12.50 7.95
CA LEU A 225 -5.80 11.64 7.08
C LEU A 225 -5.97 12.06 5.60
N ALA A 226 -7.22 12.26 5.18
CA ALA A 226 -7.47 12.63 3.78
C ALA A 226 -6.73 13.92 3.43
N ARG A 227 -6.80 14.90 4.34
CA ARG A 227 -6.16 16.17 4.07
C ARG A 227 -4.64 16.04 4.10
N TYR A 228 -4.11 15.27 5.06
CA TYR A 228 -2.66 15.10 5.19
C TYR A 228 -2.04 14.56 3.90
N PHE A 229 -2.72 13.62 3.25
CA PHE A 229 -2.07 12.93 2.14
C PHE A 229 -2.10 13.73 0.85
N VAL A 230 -2.77 14.88 0.87
CA VAL A 230 -2.69 15.85 -0.24
C VAL A 230 -2.13 17.22 0.18
N CYS A 231 -1.54 17.32 1.36
CA CYS A 231 -1.06 18.63 1.81
C CYS A 231 0.44 18.83 1.58
N GLY A 232 0.89 20.07 1.62
CA GLY A 232 2.32 20.33 1.56
C GLY A 232 2.89 20.04 0.18
N ASP A 233 4.16 19.65 0.12
CA ASP A 233 4.86 19.46 -1.16
C ASP A 233 4.80 18.04 -1.70
N VAL A 234 4.29 17.11 -0.90
CA VAL A 234 4.19 15.70 -1.30
C VAL A 234 2.74 15.25 -1.24
N LYS A 235 2.27 14.60 -2.29
CA LYS A 235 0.86 14.20 -2.38
C LYS A 235 0.66 12.82 -2.96
N ALA A 236 -0.32 12.09 -2.42
CA ALA A 236 -0.73 10.83 -3.02
C ALA A 236 -1.26 11.16 -4.40
N ASP A 237 -1.16 10.24 -5.36
CA ASP A 237 -1.75 10.50 -6.68
C ASP A 237 -3.21 10.15 -6.66
N PHE A 238 -3.59 9.21 -5.80
CA PHE A 238 -4.98 8.81 -5.68
C PHE A 238 -5.22 8.26 -4.29
N TYR A 239 -6.48 8.11 -3.92
CA TYR A 239 -6.82 7.80 -2.54
C TYR A 239 -7.90 6.73 -2.44
N GLY A 240 -7.60 5.58 -1.83
CA GLY A 240 -8.60 4.54 -1.66
C GLY A 240 -9.09 4.42 -0.22
N ILE A 241 -10.40 4.28 -0.03
CA ILE A 241 -10.96 4.04 1.32
C ILE A 241 -11.59 2.67 1.38
N ASN A 242 -11.24 1.92 2.41
CA ASN A 242 -11.89 0.65 2.71
C ASN A 242 -13.19 0.95 3.41
N MET A 243 -14.29 0.81 2.67
CA MET A 243 -15.57 1.42 3.05
C MET A 243 -16.67 0.38 3.33
N TYR A 244 -17.03 0.20 4.60
CA TYR A 244 -17.99 -0.85 4.97
C TYR A 244 -19.27 -0.30 5.61
N GLU A 245 -19.57 0.97 5.39
CA GLU A 245 -20.69 1.61 6.06
C GLU A 245 -22.06 1.09 5.59
N TRP A 246 -22.12 0.58 4.37
CA TRP A 246 -23.40 0.16 3.78
C TRP A 246 -23.60 -1.35 3.95
N CYS A 247 -24.47 -1.75 4.88
CA CYS A 247 -24.77 -3.16 5.13
C CYS A 247 -26.20 -3.49 4.77
N GLY A 248 -26.41 -4.64 4.12
CA GLY A 248 -27.75 -5.07 3.79
C GLY A 248 -28.46 -4.06 2.90
N TYR A 249 -29.78 -3.96 3.02
CA TYR A 249 -30.56 -3.12 2.11
C TYR A 249 -30.66 -1.68 2.61
N SER A 250 -29.50 -1.03 2.70
CA SER A 250 -29.41 0.33 3.21
C SER A 250 -29.81 1.33 2.14
N THR A 251 -29.58 2.61 2.41
CA THR A 251 -29.80 3.64 1.42
C THR A 251 -28.66 4.65 1.43
N TYR A 252 -28.63 5.48 0.39
CA TYR A 252 -27.67 6.56 0.24
C TYR A 252 -27.61 7.46 1.47
N GLY A 253 -28.76 7.93 1.91
CA GLY A 253 -28.84 8.76 3.09
C GLY A 253 -28.51 8.04 4.39
N THR A 254 -29.05 6.84 4.59
CA THR A 254 -28.93 6.18 5.89
C THR A 254 -27.61 5.44 6.13
N SER A 255 -26.94 5.05 5.04
CA SER A 255 -25.68 4.33 5.14
C SER A 255 -24.54 5.21 5.64
N GLY A 256 -24.63 6.50 5.31
CA GLY A 256 -23.51 7.41 5.52
C GLY A 256 -22.82 7.76 4.21
N TYR A 257 -23.23 7.10 3.12
CA TYR A 257 -22.63 7.40 1.80
C TYR A 257 -22.85 8.84 1.41
N ARG A 258 -24.03 9.39 1.72
CA ARG A 258 -24.31 10.78 1.39
C ARG A 258 -23.33 11.68 2.09
N GLU A 259 -23.10 11.43 3.37
CA GLU A 259 -22.16 12.25 4.12
C GLU A 259 -20.73 12.10 3.61
N ARG A 260 -20.29 10.87 3.32
CA ARG A 260 -18.91 10.69 2.85
C ARG A 260 -18.73 11.41 1.50
N THR A 261 -19.79 11.40 0.70
CA THR A 261 -19.72 11.98 -0.63
C THR A 261 -19.56 13.48 -0.54
N LYS A 262 -20.39 14.13 0.25
CA LYS A 262 -20.20 15.56 0.42
C LYS A 262 -18.94 15.92 1.16
N GLU A 263 -18.45 15.01 2.00
CA GLU A 263 -17.15 15.15 2.63
C GLU A 263 -16.04 15.24 1.59
N PHE A 264 -16.11 14.43 0.54
CA PHE A 264 -14.99 14.30 -0.37
C PHE A 264 -15.16 15.08 -1.66
N GLU A 265 -16.25 15.84 -1.74
CA GLU A 265 -16.49 16.69 -2.90
C GLU A 265 -15.35 17.69 -3.09
N GLY A 266 -14.80 17.74 -4.31
CA GLY A 266 -13.70 18.65 -4.60
C GLY A 266 -12.31 18.21 -4.20
N TYR A 267 -12.18 16.99 -3.66
CA TYR A 267 -10.88 16.43 -3.28
C TYR A 267 -9.99 16.42 -4.52
N PRO A 268 -8.77 16.95 -4.43
CA PRO A 268 -8.05 17.25 -5.66
C PRO A 268 -7.41 16.04 -6.36
N ILE A 269 -7.49 14.84 -5.79
CA ILE A 269 -7.02 13.64 -6.50
C ILE A 269 -8.13 12.60 -6.59
N PRO A 270 -8.02 11.62 -7.51
CA PRO A 270 -9.09 10.61 -7.63
C PRO A 270 -9.31 9.80 -6.34
N VAL A 271 -10.56 9.54 -6.01
CA VAL A 271 -10.90 8.87 -4.78
C VAL A 271 -11.88 7.73 -5.08
N PHE A 272 -11.72 6.60 -4.39
CA PHE A 272 -12.58 5.45 -4.65
C PHE A 272 -12.60 4.53 -3.44
N PHE A 273 -13.45 3.51 -3.46
CA PHE A 273 -13.48 2.48 -2.41
C PHE A 273 -12.47 1.38 -2.75
N SER A 274 -11.34 1.32 -2.04
CA SER A 274 -10.38 0.25 -2.34
C SER A 274 -10.90 -1.10 -1.79
N GLU A 275 -11.85 -1.05 -0.86
CA GLU A 275 -12.64 -2.22 -0.45
C GLU A 275 -14.08 -1.78 -0.18
N PHE A 276 -15.05 -2.60 -0.55
CA PHE A 276 -16.37 -2.51 0.00
C PHE A 276 -17.01 -3.87 0.14
N GLY A 277 -18.08 -3.93 0.89
CA GLY A 277 -18.85 -5.15 1.01
C GLY A 277 -19.17 -5.66 2.39
N CYS A 278 -19.85 -4.88 3.20
CA CYS A 278 -20.26 -5.27 4.53
C CYS A 278 -21.04 -6.56 4.43
N ASN A 279 -20.70 -7.51 5.28
CA ASN A 279 -21.36 -8.81 5.19
C ASN A 279 -22.29 -9.11 6.36
N LEU A 280 -22.74 -8.05 7.03
CA LEU A 280 -23.66 -8.18 8.14
C LEU A 280 -24.91 -8.95 7.70
N VAL A 281 -25.48 -8.54 6.56
CA VAL A 281 -26.64 -9.24 5.98
C VAL A 281 -26.25 -10.04 4.73
N ARG A 282 -26.62 -11.31 4.71
CA ARG A 282 -26.24 -12.22 3.63
C ARG A 282 -27.47 -12.95 3.09
N PRO A 283 -27.41 -13.38 1.81
CA PRO A 283 -26.30 -13.10 0.88
C PRO A 283 -26.22 -11.61 0.58
N ARG A 284 -25.02 -11.06 0.49
CA ARG A 284 -24.85 -9.63 0.26
C ARG A 284 -25.64 -9.20 -0.97
N PRO A 285 -26.54 -8.21 -0.80
CA PRO A 285 -27.30 -7.72 -1.94
C PRO A 285 -26.42 -6.86 -2.82
N PHE A 286 -25.34 -6.33 -2.26
CA PHE A 286 -24.48 -5.36 -2.94
C PHE A 286 -25.25 -4.18 -3.54
N THR A 287 -26.31 -3.75 -2.85
CA THR A 287 -27.08 -2.61 -3.36
C THR A 287 -26.29 -1.31 -3.22
N GLU A 288 -25.17 -1.34 -2.50
CA GLU A 288 -24.34 -0.13 -2.40
C GLU A 288 -23.82 0.23 -3.79
N VAL A 289 -23.76 -0.75 -4.67
CA VAL A 289 -23.26 -0.55 -6.03
C VAL A 289 -24.15 0.41 -6.85
N SER A 290 -25.47 0.29 -6.71
CA SER A 290 -26.37 1.21 -7.44
C SER A 290 -26.09 2.66 -7.08
N ALA A 291 -25.89 2.92 -5.78
CA ALA A 291 -25.59 4.27 -5.34
C ALA A 291 -24.20 4.71 -5.78
N LEU A 292 -23.20 3.83 -5.69
CA LEU A 292 -21.83 4.25 -5.98
C LEU A 292 -21.65 4.70 -7.43
N TYR A 293 -22.35 4.05 -8.35
CA TYR A 293 -22.25 4.41 -9.77
C TYR A 293 -23.44 5.23 -10.26
N GLY A 294 -24.26 5.68 -9.30
CA GLY A 294 -25.37 6.55 -9.60
C GLY A 294 -24.91 7.95 -9.88
N ASN A 295 -25.79 8.87 -10.24
CA ASN A 295 -25.31 10.18 -10.66
C ASN A 295 -24.75 11.04 -9.54
N LYS A 296 -25.33 10.95 -8.38
CA LYS A 296 -24.91 11.67 -7.23
C LYS A 296 -23.48 11.28 -6.79
N MET A 297 -23.12 10.01 -6.89
CA MET A 297 -21.82 9.57 -6.40
C MET A 297 -20.74 9.53 -7.47
N SER A 298 -21.14 9.28 -8.69
CA SER A 298 -20.16 9.10 -9.78
C SER A 298 -19.51 10.41 -10.22
N SER A 299 -20.02 11.54 -9.73
CA SER A 299 -19.39 12.82 -10.04
C SER A 299 -18.24 13.06 -9.04
N VAL A 300 -18.21 12.25 -7.98
CA VAL A 300 -17.20 12.38 -6.94
C VAL A 300 -16.23 11.20 -6.93
N TRP A 301 -16.78 9.98 -6.83
CA TRP A 301 -16.00 8.76 -6.67
C TRP A 301 -15.59 8.09 -7.99
N SER A 302 -14.39 7.50 -8.05
CA SER A 302 -13.99 6.82 -9.29
C SER A 302 -14.26 5.30 -9.25
N GLY A 303 -15.16 4.90 -8.35
CA GLY A 303 -15.67 3.54 -8.33
C GLY A 303 -15.24 2.80 -7.09
N GLY A 304 -15.05 1.49 -7.20
CA GLY A 304 -14.67 0.70 -6.04
C GLY A 304 -14.43 -0.77 -6.33
N LEU A 305 -13.78 -1.45 -5.37
CA LEU A 305 -13.52 -2.87 -5.49
C LEU A 305 -14.14 -3.64 -4.33
N ALA A 306 -15.01 -4.59 -4.68
CA ALA A 306 -15.62 -5.47 -3.69
C ALA A 306 -14.54 -6.30 -2.99
N TYR A 307 -14.76 -6.58 -1.71
CA TYR A 307 -13.88 -7.48 -0.97
C TYR A 307 -14.68 -8.75 -0.61
N MET A 308 -14.33 -9.95 -1.10
CA MET A 308 -13.29 -10.20 -2.14
C MET A 308 -13.67 -11.43 -2.95
N TYR A 309 -12.79 -11.86 -3.86
CA TYR A 309 -13.04 -13.03 -4.70
C TYR A 309 -13.11 -14.35 -3.92
N PHE A 310 -12.02 -14.72 -3.27
CA PHE A 310 -11.93 -15.99 -2.54
C PHE A 310 -12.63 -15.97 -1.20
N GLU A 311 -13.38 -17.03 -0.94
CA GLU A 311 -13.97 -17.27 0.35
C GLU A 311 -12.92 -17.91 1.24
N GLU A 312 -12.69 -17.31 2.40
CA GLU A 312 -11.68 -17.84 3.33
C GLU A 312 -12.16 -17.82 4.78
N GLU A 313 -13.31 -18.44 5.03
CA GLU A 313 -13.81 -18.66 6.40
C GLU A 313 -14.02 -17.35 7.15
N ASN A 314 -14.18 -16.28 6.39
CA ASN A 314 -14.46 -14.97 6.94
C ASN A 314 -15.74 -14.45 6.31
N GLU A 315 -16.30 -15.28 5.44
CA GLU A 315 -17.53 -14.98 4.72
C GLU A 315 -17.44 -13.66 3.92
N TYR A 316 -16.33 -13.44 3.22
CA TYR A 316 -16.28 -12.30 2.29
C TYR A 316 -16.15 -12.74 0.83
N GLY A 317 -16.10 -14.05 0.57
CA GLY A 317 -15.88 -14.51 -0.80
C GLY A 317 -17.12 -14.54 -1.66
N VAL A 318 -16.94 -14.59 -2.98
CA VAL A 318 -18.05 -14.83 -3.88
C VAL A 318 -17.89 -16.19 -4.55
N VAL A 319 -16.70 -16.76 -4.39
CA VAL A 319 -16.46 -18.15 -4.78
C VAL A 319 -15.67 -18.85 -3.71
N LYS A 320 -15.82 -20.17 -3.65
CA LYS A 320 -15.04 -20.99 -2.75
C LYS A 320 -14.27 -22.00 -3.58
N ILE A 321 -12.98 -22.16 -3.33
CA ILE A 321 -12.21 -23.18 -4.04
C ILE A 321 -12.39 -24.54 -3.35
N ASN A 322 -12.94 -25.54 -4.05
CA ASN A 322 -13.19 -26.83 -3.38
C ASN A 322 -11.88 -27.62 -3.21
N ASP A 323 -11.96 -28.86 -2.74
CA ASP A 323 -10.75 -29.59 -2.43
C ASP A 323 -10.19 -30.31 -3.66
N ASN A 324 -10.92 -30.21 -4.75
CA ASN A 324 -10.42 -30.66 -6.05
C ASN A 324 -9.92 -29.47 -6.88
N ASP A 325 -9.64 -28.36 -6.19
CA ASP A 325 -9.09 -27.15 -6.80
C ASP A 325 -9.99 -26.50 -7.85
N GLY A 326 -11.29 -26.79 -7.78
CA GLY A 326 -12.26 -26.22 -8.70
C GLY A 326 -12.97 -25.03 -8.09
N VAL A 327 -13.67 -24.25 -8.91
CA VAL A 327 -14.35 -23.04 -8.43
C VAL A 327 -15.84 -23.31 -8.15
N ASP A 328 -16.24 -23.18 -6.89
CA ASP A 328 -17.66 -23.28 -6.54
C ASP A 328 -18.22 -21.88 -6.33
N ILE A 329 -19.27 -21.55 -7.08
CA ILE A 329 -19.87 -20.22 -7.00
C ILE A 329 -20.80 -20.09 -5.78
N LEU A 330 -20.65 -18.99 -5.04
CA LEU A 330 -21.42 -18.77 -3.81
C LEU A 330 -22.57 -17.77 -4.04
N PRO A 331 -23.60 -17.78 -3.15
CA PRO A 331 -24.78 -16.93 -3.36
C PRO A 331 -24.49 -15.43 -3.60
N ASP A 332 -23.46 -14.88 -2.97
CA ASP A 332 -23.08 -13.47 -3.20
C ASP A 332 -22.81 -13.17 -4.70
N PHE A 333 -22.30 -14.17 -5.41
CA PHE A 333 -21.79 -13.99 -6.78
C PHE A 333 -22.81 -13.34 -7.73
N LYS A 334 -23.99 -13.95 -7.88
CA LYS A 334 -25.04 -13.44 -8.78
C LYS A 334 -25.44 -12.02 -8.46
N ASN A 335 -25.50 -11.70 -7.17
CA ASN A 335 -25.84 -10.35 -6.74
C ASN A 335 -24.80 -9.31 -7.17
N LEU A 336 -23.53 -9.62 -6.96
CA LEU A 336 -22.45 -8.72 -7.41
C LEU A 336 -22.48 -8.57 -8.92
N LYS A 337 -22.53 -9.71 -9.62
CA LYS A 337 -22.68 -9.75 -11.09
C LYS A 337 -23.83 -8.90 -11.61
N LYS A 338 -25.03 -9.05 -11.05
CA LYS A 338 -26.16 -8.33 -11.63
C LYS A 338 -26.04 -6.83 -11.33
N GLU A 339 -25.54 -6.49 -10.15
CA GLU A 339 -25.35 -5.09 -9.78
C GLU A 339 -24.30 -4.38 -10.65
N PHE A 340 -23.10 -4.96 -10.80
CA PHE A 340 -22.10 -4.42 -11.73
C PHE A 340 -22.66 -4.31 -13.16
N ALA A 341 -23.45 -5.30 -13.54
CA ALA A 341 -24.07 -5.32 -14.88
C ALA A 341 -25.01 -4.13 -15.12
N LYS A 342 -25.73 -3.71 -14.08
CA LYS A 342 -26.69 -2.60 -14.22
C LYS A 342 -26.01 -1.24 -14.07
N ALA A 343 -24.84 -1.23 -13.43
CA ALA A 343 -24.11 -0.01 -13.18
C ALA A 343 -23.62 0.64 -14.48
N ASP A 344 -23.97 1.91 -14.65
CA ASP A 344 -23.63 2.64 -15.87
C ASP A 344 -23.22 4.06 -15.48
N PRO A 345 -22.02 4.21 -14.91
CA PRO A 345 -21.62 5.54 -14.45
C PRO A 345 -21.50 6.48 -15.65
N LYS A 346 -22.02 7.67 -15.51
CA LYS A 346 -21.85 8.62 -16.56
C LYS A 346 -20.77 9.55 -16.14
N GLY A 347 -19.79 9.63 -16.99
CA GLY A 347 -18.62 10.42 -16.66
C GLY A 347 -18.46 11.59 -17.60
N ILE A 348 -17.39 12.33 -17.39
CA ILE A 348 -17.06 13.38 -18.30
C ILE A 348 -15.79 12.98 -19.01
N THR A 349 -15.64 13.49 -20.22
CA THR A 349 -14.48 13.17 -21.02
C THR A 349 -13.34 14.09 -20.64
N GLU A 350 -12.12 13.67 -20.96
CA GLU A 350 -10.92 14.39 -20.57
C GLU A 350 -10.86 15.81 -21.10
N GLU A 351 -11.38 16.01 -22.30
CA GLU A 351 -11.35 17.31 -22.96
C GLU A 351 -12.28 18.32 -22.31
N GLU A 352 -13.53 17.92 -22.12
CA GLU A 352 -14.48 18.82 -21.48
C GLU A 352 -14.02 19.13 -20.06
N TYR A 353 -13.24 18.22 -19.47
CA TYR A 353 -12.60 18.43 -18.17
C TYR A 353 -11.26 19.15 -18.30
N GLU A 363 -1.47 27.62 -3.88
CA GLU A 363 -2.44 26.99 -3.01
C GLU A 363 -2.15 25.51 -2.76
N SER A 364 -0.97 25.25 -2.20
CA SER A 364 -0.72 23.93 -1.63
C SER A 364 -1.64 23.80 -0.42
N VAL A 365 -2.31 22.66 -0.30
CA VAL A 365 -3.23 22.44 0.81
C VAL A 365 -2.50 22.48 2.13
N GLU A 366 -3.05 23.18 3.11
CA GLU A 366 -2.40 23.28 4.42
C GLU A 366 -2.53 21.95 5.15
N CYS A 367 -1.47 21.54 5.84
CA CYS A 367 -1.50 20.28 6.58
C CYS A 367 -2.30 20.48 7.87
N PRO A 368 -3.02 19.43 8.31
CA PRO A 368 -3.76 19.56 9.59
C PRO A 368 -2.84 19.95 10.76
N HIS A 369 -3.27 20.91 11.58
CA HIS A 369 -2.46 21.31 12.73
C HIS A 369 -2.37 20.17 13.74
N ILE A 370 -1.28 20.14 14.50
CA ILE A 370 -1.06 19.16 15.55
C ILE A 370 -1.97 19.40 16.77
N ALA A 371 -2.58 18.34 17.30
CA ALA A 371 -3.25 18.40 18.60
C ALA A 371 -3.05 17.07 19.34
N VAL A 372 -2.57 17.16 20.58
CA VAL A 372 -2.18 15.97 21.33
C VAL A 372 -3.40 15.04 21.51
N GLY A 373 -3.18 13.76 21.29
CA GLY A 373 -4.24 12.76 21.36
C GLY A 373 -5.21 12.76 20.19
N VAL A 374 -5.01 13.66 19.23
CA VAL A 374 -5.94 13.78 18.11
C VAL A 374 -5.22 13.66 16.77
N TRP A 375 -4.24 14.53 16.53
CA TRP A 375 -3.46 14.45 15.30
C TRP A 375 -2.00 14.81 15.56
N GLU A 376 -1.10 13.87 15.29
CA GLU A 376 0.29 14.03 15.68
C GLU A 376 1.26 13.68 14.55
N ALA A 377 0.84 13.96 13.32
CA ALA A 377 1.68 13.72 12.16
C ALA A 377 2.39 15.01 11.75
N ASN A 378 3.70 15.04 11.91
CA ASN A 378 4.45 16.23 11.52
C ASN A 378 4.45 16.40 10.00
N GLU A 379 4.53 17.65 9.55
CA GLU A 379 4.57 17.90 8.11
C GLU A 379 5.97 17.58 7.57
N LYS A 380 7.00 17.75 8.41
CA LYS A 380 8.36 17.38 8.00
C LYS A 380 8.48 15.86 7.85
N LEU A 381 8.98 15.41 6.69
CA LEU A 381 9.11 13.97 6.40
C LEU A 381 10.53 13.47 6.54
N PRO A 382 10.72 12.18 6.87
CA PRO A 382 12.06 11.61 6.84
C PRO A 382 12.69 11.65 5.46
N GLU A 383 14.02 11.59 5.43
CA GLU A 383 14.80 11.62 4.19
C GLU A 383 14.61 10.36 3.35
N THR A 384 15.00 10.44 2.08
CA THR A 384 15.01 9.27 1.20
C THR A 384 16.05 8.28 1.72
N PRO A 385 15.63 7.04 1.98
CA PRO A 385 16.61 6.03 2.43
C PRO A 385 17.77 5.90 1.44
N ASP A 386 18.98 5.90 1.98
CA ASP A 386 20.22 5.92 1.21
C ASP A 386 20.95 4.58 1.32
N ARG A 387 20.75 3.71 0.33
CA ARG A 387 21.36 2.38 0.38
C ARG A 387 22.89 2.43 0.36
N SER A 388 23.47 3.46 -0.24
CA SER A 388 24.92 3.56 -0.31
C SER A 388 25.51 3.89 1.05
N LYS A 389 24.95 4.90 1.70
CA LYS A 389 25.39 5.29 3.03
C LYS A 389 25.30 4.09 3.97
N CYS A 390 24.17 3.40 3.88
CA CYS A 390 23.87 2.32 4.79
C CYS A 390 24.72 1.09 4.48
N ALA A 391 24.96 0.82 3.20
CA ALA A 391 25.78 -0.32 2.81
C ALA A 391 27.21 -0.14 3.25
N CYS A 392 27.63 1.11 3.42
CA CYS A 392 28.97 1.39 3.91
C CYS A 392 29.11 1.06 5.39
N LEU A 393 28.00 1.02 6.12
CA LEU A 393 28.04 0.57 7.51
C LEU A 393 28.43 -0.90 7.53
N ASP A 394 27.91 -1.66 6.58
CA ASP A 394 28.24 -3.08 6.44
C ASP A 394 29.73 -3.31 6.17
N GLU A 395 30.39 -2.30 5.60
CA GLU A 395 31.78 -2.43 5.20
C GLU A 395 32.77 -2.10 6.32
N ILE A 396 32.44 -1.08 7.11
CA ILE A 396 33.44 -0.48 7.98
C ILE A 396 33.20 -0.69 9.46
N LEU A 397 32.02 -1.15 9.87
CA LEU A 397 31.75 -1.32 11.29
C LEU A 397 32.52 -2.50 11.86
N PRO A 398 33.12 -2.33 13.04
CA PRO A 398 33.84 -3.42 13.71
C PRO A 398 32.92 -4.59 14.11
N CYS A 399 31.69 -4.29 14.54
CA CYS A 399 30.81 -5.34 15.06
C CYS A 399 29.45 -5.35 14.37
N GLU A 400 29.08 -6.49 13.80
CA GLU A 400 27.85 -6.61 13.01
C GLU A 400 26.89 -7.64 13.59
N ILE A 401 25.60 -7.51 13.26
CA ILE A 401 24.66 -8.56 13.57
C ILE A 401 24.01 -9.07 12.28
N VAL A 402 24.00 -10.39 12.09
CA VAL A 402 23.30 -10.91 10.92
C VAL A 402 21.81 -10.91 11.19
N PRO A 403 21.01 -10.70 10.13
CA PRO A 403 19.55 -10.79 10.24
C PRO A 403 19.11 -12.19 10.70
N PHE A 404 19.42 -13.18 9.87
CA PHE A 404 19.19 -14.62 10.05
C PHE A 404 18.48 -15.02 11.36
N GLY A 409 11.24 -10.70 17.58
CA GLY A 409 12.63 -11.06 17.72
C GLY A 409 13.15 -10.64 19.08
N LYS A 410 14.47 -10.63 19.23
CA LYS A 410 15.12 -10.10 20.41
C LYS A 410 15.81 -8.76 20.13
N TYR A 411 15.28 -8.04 19.17
CA TYR A 411 15.78 -6.74 18.81
C TYR A 411 15.51 -5.71 19.87
N GLU A 412 14.35 -5.80 20.48
CA GLU A 412 13.96 -4.80 21.43
C GLU A 412 14.77 -4.96 22.69
N GLU A 413 15.02 -6.20 23.09
CA GLU A 413 15.90 -6.43 24.22
C GLU A 413 17.22 -5.78 23.91
N TYR A 414 17.80 -6.15 22.80
CA TYR A 414 19.14 -5.72 22.42
C TYR A 414 19.24 -4.19 22.29
N PHE A 415 18.19 -3.58 21.76
CA PHE A 415 18.13 -2.13 21.65
C PHE A 415 18.09 -1.48 23.03
N SER A 416 17.17 -1.92 23.89
CA SER A 416 17.07 -1.44 25.27
C SER A 416 18.43 -1.50 25.96
N TYR A 417 19.11 -2.63 25.82
CA TYR A 417 20.43 -2.82 26.40
C TYR A 417 21.44 -1.81 25.84
N LEU A 418 21.67 -1.85 24.53
CA LEU A 418 22.68 -0.99 23.92
C LEU A 418 22.34 0.52 24.01
N CYS A 419 21.07 0.88 23.94
CA CYS A 419 20.75 2.31 23.94
C CYS A 419 20.78 2.90 25.35
N SER A 420 21.05 2.06 26.35
CA SER A 420 21.25 2.52 27.72
C SER A 420 22.73 2.76 28.02
N LYS A 421 23.58 2.35 27.08
CA LYS A 421 25.03 2.46 27.26
C LYS A 421 25.62 3.52 26.33
N VAL A 422 25.01 3.70 25.15
CA VAL A 422 25.41 4.71 24.18
C VAL A 422 24.18 5.48 23.69
N ASP A 423 24.42 6.57 22.98
CA ASP A 423 23.35 7.46 22.51
C ASP A 423 22.78 6.95 21.21
N CYS A 424 21.56 6.44 21.27
CA CYS A 424 20.93 5.88 20.09
C CYS A 424 20.12 6.92 19.28
N SER A 425 20.33 8.21 19.56
CA SER A 425 19.64 9.28 18.83
C SER A 425 19.73 9.13 17.33
N ASP A 426 20.90 8.70 16.84
CA ASP A 426 21.15 8.72 15.40
C ASP A 426 20.38 7.66 14.60
N ILE A 427 19.65 6.78 15.28
CA ILE A 427 18.83 5.77 14.60
C ILE A 427 17.35 5.91 14.96
N LEU A 428 17.04 6.89 15.79
CA LEU A 428 15.65 7.15 16.14
C LEU A 428 14.95 8.02 15.10
N ALA A 429 13.65 7.79 14.95
CA ALA A 429 12.85 8.53 13.98
C ALA A 429 11.55 8.91 14.66
N ASN A 430 11.28 10.20 14.74
CA ASN A 430 10.09 10.66 15.46
C ASN A 430 9.12 11.41 14.53
N GLY A 431 8.04 10.72 14.15
CA GLY A 431 7.04 11.31 13.26
C GLY A 431 6.18 12.42 13.88
N LYS A 432 6.16 12.49 15.20
CA LYS A 432 5.46 13.59 15.89
C LYS A 432 6.21 14.91 15.79
N THR A 433 7.50 14.85 16.08
CA THR A 433 8.32 16.06 16.20
C THR A 433 9.04 16.38 14.89
N GLY A 434 9.06 15.42 13.97
CA GLY A 434 9.78 15.58 12.71
C GLY A 434 11.29 15.55 12.90
N GLU A 435 11.76 14.76 13.87
CA GLU A 435 13.19 14.58 14.11
C GLU A 435 13.62 13.20 13.69
N TYR A 436 14.51 13.13 12.72
CA TYR A 436 14.93 11.87 12.11
C TYR A 436 16.44 11.75 12.15
N GLY A 437 16.94 10.75 12.87
CA GLY A 437 18.37 10.65 13.04
C GLY A 437 19.10 10.29 11.77
N GLU A 438 20.40 10.53 11.76
CA GLU A 438 21.22 10.39 10.56
C GLU A 438 21.21 8.98 9.95
N PHE A 439 21.07 7.96 10.78
CA PHE A 439 21.08 6.60 10.27
C PHE A 439 19.72 5.92 10.53
N SER A 440 18.69 6.73 10.77
CA SER A 440 17.35 6.19 11.01
C SER A 440 16.73 5.54 9.78
N ASP A 441 17.32 5.79 8.60
CA ASP A 441 16.85 5.17 7.36
C ASP A 441 17.55 3.84 7.02
N CYS A 442 18.48 3.39 7.85
CA CYS A 442 19.15 2.10 7.57
C CYS A 442 18.28 0.96 8.07
N SER A 443 18.67 -0.29 7.78
CA SER A 443 17.91 -1.45 8.20
C SER A 443 18.08 -1.69 9.71
N VAL A 444 17.20 -2.50 10.28
CA VAL A 444 17.25 -2.78 11.71
C VAL A 444 18.61 -3.36 12.12
N GLU A 445 19.10 -4.32 11.33
CA GLU A 445 20.41 -4.92 11.60
C GLU A 445 21.54 -3.90 11.56
N GLN A 446 21.50 -3.00 10.59
CA GLN A 446 22.55 -2.00 10.46
C GLN A 446 22.52 -1.06 11.67
N LYS A 447 21.30 -0.70 12.09
CA LYS A 447 21.13 0.18 13.26
C LYS A 447 21.66 -0.46 14.53
N LEU A 448 21.38 -1.76 14.69
CA LEU A 448 21.88 -2.49 15.85
C LEU A 448 23.39 -2.59 15.81
N SER A 449 23.90 -2.89 14.62
CA SER A 449 25.34 -3.03 14.41
C SER A 449 26.06 -1.72 14.73
N LEU A 450 25.48 -0.59 14.31
CA LEU A 450 26.06 0.73 14.62
C LEU A 450 26.21 0.92 16.12
N GLN A 451 25.14 0.66 16.88
CA GLN A 451 25.20 0.86 18.34
C GLN A 451 26.17 -0.14 19.02
N LEU A 452 26.16 -1.39 18.58
CA LEU A 452 27.08 -2.38 19.11
C LEU A 452 28.52 -1.94 18.87
N SER A 453 28.78 -1.41 17.68
CA SER A 453 30.11 -0.93 17.33
C SER A 453 30.52 0.29 18.15
N LYS A 454 29.56 1.14 18.51
CA LYS A 454 29.86 2.29 19.34
C LYS A 454 30.28 1.84 20.75
N LEU A 455 29.55 0.86 21.30
CA LEU A 455 29.89 0.32 22.60
C LEU A 455 31.27 -0.37 22.55
N TYR A 456 31.52 -1.12 21.50
CA TYR A 456 32.83 -1.74 21.28
C TYR A 456 33.93 -0.69 21.35
N CYS A 457 33.73 0.43 20.66
CA CYS A 457 34.76 1.47 20.63
C CYS A 457 34.88 2.21 21.96
N LYS A 458 33.79 2.32 22.70
CA LYS A 458 33.79 3.05 23.97
C LYS A 458 34.45 2.21 25.08
N ILE A 459 34.30 0.89 25.00
CA ILE A 459 34.96 0.00 25.96
C ILE A 459 36.46 -0.02 25.70
N GLY A 460 36.84 -0.09 24.41
CA GLY A 460 38.21 0.17 23.99
C GLY A 460 39.26 -0.92 24.11
N ALA A 461 38.83 -2.17 24.23
CA ALA A 461 39.77 -3.28 24.34
C ALA A 461 40.52 -3.53 23.04
N ASN A 462 39.81 -3.44 21.91
CA ASN A 462 40.41 -3.66 20.60
C ASN A 462 40.97 -5.10 20.59
N ASP A 463 40.11 -6.03 21.01
CA ASP A 463 40.48 -7.43 21.07
C ASP A 463 39.54 -8.27 20.20
N ARG A 464 38.82 -7.59 19.30
CA ARG A 464 37.89 -8.20 18.32
C ARG A 464 36.76 -8.97 18.94
N HIS A 465 36.25 -8.43 20.03
CA HIS A 465 35.42 -9.16 20.96
C HIS A 465 34.15 -8.28 21.25
N CYS A 466 33.20 -8.42 20.33
CA CYS A 466 32.03 -7.54 20.25
C CYS A 466 31.21 -7.70 21.51
N PRO A 467 30.91 -6.58 22.17
CA PRO A 467 30.34 -6.54 23.52
C PRO A 467 28.90 -7.02 23.64
N LEU A 468 28.60 -8.15 23.01
CA LEU A 468 27.28 -8.77 23.09
C LEU A 468 27.36 -10.22 22.64
N ASN A 469 26.83 -11.14 23.44
CA ASN A 469 26.76 -12.54 23.05
C ASN A 469 25.47 -13.03 22.40
N ASP A 470 25.71 -13.55 21.23
CA ASP A 470 24.64 -14.01 20.41
C ASP A 470 25.38 -14.66 19.29
N LYS A 471 24.87 -15.79 18.85
CA LYS A 471 25.38 -16.44 17.66
C LYS A 471 25.38 -15.45 16.49
N ASN A 472 24.41 -14.54 16.46
CA ASN A 472 24.22 -13.64 15.30
C ASN A 472 25.20 -12.45 15.26
N VAL A 473 25.93 -12.24 16.35
CA VAL A 473 26.94 -11.18 16.42
C VAL A 473 28.29 -11.69 15.90
N TYR A 474 28.97 -10.91 15.06
CA TYR A 474 30.32 -11.28 14.63
C TYR A 474 31.24 -10.07 14.44
N PHE A 475 32.54 -10.29 14.60
CA PHE A 475 33.50 -9.22 14.31
C PHE A 475 33.72 -9.16 12.80
N ASN A 476 33.57 -7.97 12.25
CA ASN A 476 33.72 -7.75 10.81
C ASN A 476 35.18 -7.55 10.44
N LEU A 477 35.81 -8.60 9.90
CA LEU A 477 37.21 -8.54 9.52
C LEU A 477 37.45 -7.47 8.46
N GLU A 478 36.45 -7.22 7.61
CA GLU A 478 36.53 -6.18 6.59
C GLU A 478 36.76 -4.79 7.20
N SER A 479 36.44 -4.64 8.49
CA SER A 479 36.60 -3.36 9.18
C SER A 479 38.07 -2.96 9.30
N LEU A 480 38.95 -3.94 9.34
CA LEU A 480 40.38 -3.70 9.50
C LEU A 480 41.06 -3.27 8.21
N GLN A 481 40.47 -3.64 7.07
CA GLN A 481 41.06 -3.34 5.76
C GLN A 481 40.96 -1.83 5.52
N PRO A 482 42.13 -1.15 5.43
CA PRO A 482 42.37 0.27 5.73
C PRO A 482 41.36 1.27 5.15
N CYS A 489 33.01 5.64 1.66
CA CYS A 489 32.55 5.18 2.97
C CYS A 489 33.48 5.66 4.08
#